data_2EQB
#
_entry.id   2EQB
#
_cell.length_a   116.581
_cell.length_b   117.422
_cell.length_c   123.332
_cell.angle_alpha   90.00
_cell.angle_beta   90.00
_cell.angle_gamma   90.00
#
_symmetry.space_group_name_H-M   'I 2 2 2'
#
loop_
_entity.id
_entity.type
_entity.pdbx_description
1 polymer 'Ras-related protein SEC4'
2 polymer 'Rab guanine nucleotide exchange factor SEC2'
3 non-polymer 'PHOSPHATE ION'
4 water water
#
loop_
_entity_poly.entity_id
_entity_poly.type
_entity_poly.pdbx_seq_one_letter_code
_entity_poly.pdbx_strand_id
1 'polypeptide(L)'
;GPLGSSIMKILLIGDSGVGKSCLLVRFVEDKFNPSFITTIGIDFKIKTVDINGKKVKLQLWDTAGQERFRTITTAYYRGA
MGIILVYDVTDERTFTNIKQWFKTVNEHANDEAQLLLVGNKSDMETRVVTADQGEALAKELGIPFIESSAKNDDNVNEIF
FTLAKLIQEKIDSN
;
A
2 'polypeptide(L)'
;GPLGSNYNQLKEDYNTLKRELSDRDDEVKRLREDIAKENELRTKAEEEADKLNKEVEDLTASLFDEANNMVADARKEKYA
IEILNKRLTEQLREKDT
;
B,C
#
loop_
_chem_comp.id
_chem_comp.type
_chem_comp.name
_chem_comp.formula
PO4 non-polymer 'PHOSPHATE ION' 'O4 P -3'
#
# COMPACT_ATOMS: atom_id res chain seq x y z
N GLY A 4 -12.03 -14.28 -13.65
CA GLY A 4 -13.52 -14.17 -13.61
C GLY A 4 -14.17 -15.07 -12.58
N SER A 5 -13.53 -15.21 -11.41
CA SER A 5 -14.07 -16.05 -10.34
C SER A 5 -13.56 -15.66 -8.94
N SER A 6 -12.98 -16.63 -8.23
CA SER A 6 -12.48 -16.41 -6.87
C SER A 6 -11.08 -15.78 -6.82
N ILE A 7 -10.98 -14.66 -6.10
CA ILE A 7 -9.71 -13.94 -5.97
C ILE A 7 -8.93 -14.35 -4.72
N MET A 8 -7.63 -14.07 -4.73
CA MET A 8 -6.74 -14.37 -3.61
C MET A 8 -5.58 -13.39 -3.64
N LYS A 9 -5.44 -12.59 -2.58
CA LYS A 9 -4.37 -11.61 -2.52
C LYS A 9 -3.10 -12.20 -1.92
N ILE A 10 -2.00 -12.06 -2.64
CA ILE A 10 -0.72 -12.58 -2.19
C ILE A 10 0.32 -11.48 -2.33
N LEU A 11 1.33 -11.49 -1.48
CA LEU A 11 2.35 -10.47 -1.55
C LEU A 11 3.67 -11.06 -1.13
N LEU A 12 4.76 -10.46 -1.60
CA LEU A 12 6.08 -10.96 -1.26
C LEU A 12 6.83 -10.01 -0.37
N ILE A 13 7.21 -10.55 0.78
CA ILE A 13 7.96 -9.84 1.80
C ILE A 13 9.39 -10.37 1.78
N GLY A 14 10.34 -9.46 1.92
CA GLY A 14 11.75 -9.85 1.93
C GLY A 14 12.66 -8.69 1.56
N ASP A 15 13.97 -8.90 1.62
CA ASP A 15 14.91 -7.84 1.29
C ASP A 15 15.31 -7.83 -0.17
N SER A 16 16.27 -6.98 -0.53
CA SER A 16 16.72 -6.88 -1.91
C SER A 16 17.76 -7.94 -2.23
N GLY A 17 17.87 -8.28 -3.52
CA GLY A 17 18.83 -9.28 -3.93
C GLY A 17 18.20 -10.67 -3.87
N VAL A 18 17.34 -10.86 -2.87
CA VAL A 18 16.63 -12.13 -2.65
C VAL A 18 16.03 -12.73 -3.92
N GLY A 19 15.79 -11.90 -4.92
CA GLY A 19 15.21 -12.38 -6.16
C GLY A 19 13.71 -12.55 -6.03
N LYS A 20 13.09 -11.64 -5.28
CA LYS A 20 11.65 -11.64 -5.06
C LYS A 20 10.98 -11.33 -6.39
N SER A 21 11.66 -10.54 -7.21
CA SER A 21 11.17 -10.13 -8.52
C SER A 21 11.19 -11.30 -9.50
N CYS A 22 12.41 -11.69 -9.88
CA CYS A 22 12.67 -12.78 -10.82
C CYS A 22 11.76 -13.98 -10.63
N LEU A 23 11.40 -14.22 -9.37
CA LEU A 23 10.52 -15.32 -9.01
C LEU A 23 9.12 -15.09 -9.58
N LEU A 24 8.70 -13.84 -9.61
CA LEU A 24 7.40 -13.47 -10.14
C LEU A 24 7.45 -13.49 -11.66
N VAL A 25 8.45 -12.84 -12.23
CA VAL A 25 8.61 -12.80 -13.68
C VAL A 25 8.44 -14.24 -14.10
N ARG A 26 9.25 -15.10 -13.49
CA ARG A 26 9.21 -16.52 -13.79
C ARG A 26 7.89 -17.19 -13.42
N PHE A 27 7.30 -16.84 -12.28
CA PHE A 27 6.05 -17.47 -11.94
C PHE A 27 4.99 -17.15 -12.98
N VAL A 28 5.00 -15.93 -13.50
CA VAL A 28 4.00 -15.56 -14.49
C VAL A 28 4.59 -15.57 -15.90
N GLU A 29 3.88 -16.21 -16.81
CA GLU A 29 4.34 -16.34 -18.18
C GLU A 29 3.99 -15.16 -19.09
N ASP A 30 4.49 -13.97 -18.77
CA ASP A 30 4.21 -12.83 -19.64
C ASP A 30 5.41 -11.97 -19.97
N LYS A 31 5.70 -11.84 -21.26
CA LYS A 31 6.83 -11.08 -21.76
C LYS A 31 6.43 -9.66 -22.11
N PHE A 32 5.13 -9.49 -22.35
CA PHE A 32 4.57 -8.19 -22.71
C PHE A 32 4.41 -7.29 -21.48
N ASN A 33 3.81 -7.84 -20.42
CA ASN A 33 3.62 -7.10 -19.17
C ASN A 33 4.93 -6.44 -18.75
N PRO A 34 4.87 -5.14 -18.42
CA PRO A 34 6.02 -4.33 -18.02
C PRO A 34 6.41 -4.51 -16.57
N SER A 35 7.56 -3.92 -16.23
CA SER A 35 8.09 -3.96 -14.88
C SER A 35 8.35 -2.56 -14.36
N PHE A 36 7.51 -2.17 -13.40
CA PHE A 36 7.62 -0.86 -12.80
C PHE A 36 8.45 -0.85 -11.53
N ILE A 37 8.68 -2.03 -10.98
CA ILE A 37 9.45 -2.21 -9.74
C ILE A 37 10.82 -1.53 -9.80
N THR A 38 11.30 -1.27 -11.02
CA THR A 38 12.58 -0.62 -11.26
C THR A 38 12.46 0.89 -11.11
N THR A 39 11.28 1.37 -11.45
CA THR A 39 10.97 2.78 -11.46
C THR A 39 9.96 3.23 -10.42
N ILE A 40 8.86 2.51 -10.31
CA ILE A 40 7.88 2.89 -9.32
C ILE A 40 8.33 2.35 -7.97
N GLY A 41 8.77 1.10 -7.95
CA GLY A 41 9.18 0.52 -6.69
C GLY A 41 8.06 -0.40 -6.27
N ILE A 42 7.09 -0.53 -7.16
CA ILE A 42 5.98 -1.42 -6.92
C ILE A 42 5.68 -2.06 -8.25
N ASP A 43 5.02 -3.21 -8.21
CA ASP A 43 4.63 -3.91 -9.42
C ASP A 43 3.55 -4.89 -8.99
N PHE A 44 2.48 -4.94 -9.77
CA PHE A 44 1.37 -5.80 -9.45
C PHE A 44 1.09 -6.71 -10.61
N LYS A 45 0.75 -7.96 -10.29
CA LYS A 45 0.50 -8.97 -11.28
C LYS A 45 -0.58 -9.99 -10.95
N ILE A 46 -1.44 -10.26 -11.93
CA ILE A 46 -2.51 -11.25 -11.79
C ILE A 46 -2.04 -12.48 -12.57
N LYS A 47 -2.53 -13.64 -12.17
CA LYS A 47 -2.18 -14.92 -12.80
C LYS A 47 -3.26 -15.93 -12.44
N THR A 48 -4.13 -16.27 -13.37
CA THR A 48 -5.16 -17.24 -13.04
C THR A 48 -4.54 -18.63 -12.92
N VAL A 49 -4.68 -19.23 -11.74
CA VAL A 49 -4.14 -20.55 -11.49
C VAL A 49 -5.24 -21.38 -10.86
N ASP A 50 -5.04 -22.70 -10.81
CA ASP A 50 -6.00 -23.59 -10.22
C ASP A 50 -5.36 -24.90 -9.82
N ILE A 51 -6.13 -25.68 -9.07
CA ILE A 51 -5.75 -27.00 -8.58
C ILE A 51 -7.07 -27.44 -7.96
N ASN A 52 -7.43 -28.71 -8.08
CA ASN A 52 -8.68 -29.18 -7.50
C ASN A 52 -9.82 -28.29 -8.02
N GLY A 53 -10.01 -28.31 -9.34
CA GLY A 53 -11.07 -27.53 -9.99
C GLY A 53 -11.47 -26.23 -9.31
N LYS A 54 -10.56 -25.27 -9.26
CA LYS A 54 -10.85 -23.98 -8.65
C LYS A 54 -10.34 -22.83 -9.51
N LYS A 55 -11.27 -22.11 -10.12
CA LYS A 55 -10.93 -20.98 -10.98
C LYS A 55 -10.56 -19.77 -10.10
N VAL A 56 -9.34 -19.78 -9.57
CA VAL A 56 -8.88 -18.68 -8.72
C VAL A 56 -7.82 -17.82 -9.38
N LYS A 57 -7.95 -16.51 -9.17
CA LYS A 57 -7.01 -15.55 -9.73
C LYS A 57 -6.11 -15.05 -8.61
N LEU A 58 -4.80 -15.10 -8.85
CA LEU A 58 -3.84 -14.61 -7.86
C LEU A 58 -3.42 -13.21 -8.18
N GLN A 59 -3.40 -12.38 -7.15
CA GLN A 59 -2.97 -11.01 -7.29
C GLN A 59 -1.73 -10.94 -6.44
N LEU A 60 -0.64 -10.47 -7.02
CA LEU A 60 0.60 -10.43 -6.26
C LEU A 60 1.32 -9.09 -6.35
N TRP A 61 1.77 -8.62 -5.19
CA TRP A 61 2.48 -7.36 -5.12
C TRP A 61 3.93 -7.66 -4.87
N ASP A 62 4.80 -6.92 -5.54
CA ASP A 62 6.23 -7.06 -5.31
C ASP A 62 6.69 -5.63 -5.07
N THR A 63 7.30 -5.38 -3.93
CA THR A 63 7.75 -4.03 -3.63
C THR A 63 9.23 -3.93 -3.32
N ALA A 64 9.79 -2.76 -3.61
CA ALA A 64 11.20 -2.49 -3.36
C ALA A 64 11.33 -1.94 -1.95
N GLY A 65 10.26 -2.11 -1.18
CA GLY A 65 10.22 -1.66 0.21
C GLY A 65 10.46 -0.18 0.42
N GLN A 66 11.43 0.36 -0.33
CA GLN A 66 11.84 1.75 -0.27
C GLN A 66 10.81 2.72 0.31
N GLU A 67 11.30 3.58 1.21
CA GLU A 67 10.52 4.60 1.90
C GLU A 67 9.26 5.16 1.24
N ARG A 68 9.45 5.96 0.20
CA ARG A 68 8.37 6.60 -0.54
C ARG A 68 6.95 6.12 -0.24
N PHE A 69 6.32 5.50 -1.23
CA PHE A 69 4.94 5.03 -1.04
C PHE A 69 4.79 3.97 0.05
N ARG A 70 5.72 3.94 1.01
CA ARG A 70 5.63 2.94 2.07
C ARG A 70 4.29 3.05 2.75
N THR A 71 3.71 4.24 2.69
CA THR A 71 2.42 4.47 3.31
C THR A 71 1.38 3.56 2.67
N ILE A 72 1.62 3.21 1.41
CA ILE A 72 0.70 2.36 0.67
C ILE A 72 1.13 0.91 0.66
N THR A 73 2.41 0.67 0.33
CA THR A 73 2.91 -0.70 0.31
C THR A 73 2.49 -1.36 1.62
N THR A 74 2.38 -0.53 2.65
CA THR A 74 1.97 -0.96 3.96
C THR A 74 0.52 -1.44 3.96
N ALA A 75 -0.30 -0.80 3.15
CA ALA A 75 -1.71 -1.17 3.05
C ALA A 75 -1.87 -2.54 2.41
N TYR A 76 -0.78 -3.07 1.85
CA TYR A 76 -0.82 -4.37 1.20
C TYR A 76 -0.82 -5.51 2.20
N TYR A 77 -0.20 -5.30 3.36
CA TYR A 77 -0.21 -6.34 4.38
C TYR A 77 -1.64 -6.42 4.91
N ARG A 78 -2.20 -5.26 5.19
CA ARG A 78 -3.56 -5.15 5.72
C ARG A 78 -4.58 -5.94 4.87
N GLY A 79 -4.25 -6.17 3.60
CA GLY A 79 -5.18 -6.89 2.74
C GLY A 79 -4.76 -8.29 2.35
N ALA A 80 -3.46 -8.60 2.40
CA ALA A 80 -2.95 -9.93 2.04
C ALA A 80 -3.78 -11.09 2.56
N MET A 81 -4.10 -12.02 1.67
CA MET A 81 -4.86 -13.21 2.04
C MET A 81 -3.85 -14.29 2.31
N GLY A 82 -2.61 -13.99 1.97
CA GLY A 82 -1.50 -14.89 2.17
C GLY A 82 -0.27 -14.09 1.83
N ILE A 83 0.84 -14.36 2.51
CA ILE A 83 2.05 -13.63 2.23
C ILE A 83 3.27 -14.55 2.37
N ILE A 84 4.20 -14.37 1.44
CA ILE A 84 5.42 -15.14 1.35
C ILE A 84 6.65 -14.40 1.88
N LEU A 85 7.20 -14.90 2.98
CA LEU A 85 8.39 -14.30 3.57
C LEU A 85 9.55 -14.98 2.85
N VAL A 86 10.31 -14.21 2.07
CA VAL A 86 11.40 -14.77 1.29
C VAL A 86 12.84 -14.40 1.70
N TYR A 87 13.75 -15.35 1.50
CA TYR A 87 15.17 -15.15 1.81
C TYR A 87 16.10 -15.90 0.86
N ASP A 88 17.29 -15.33 0.66
CA ASP A 88 18.31 -15.89 -0.21
C ASP A 88 19.19 -16.81 0.63
N VAL A 89 19.53 -17.98 0.11
CA VAL A 89 20.37 -18.91 0.84
C VAL A 89 21.86 -18.80 0.55
N THR A 90 22.24 -17.81 -0.27
CA THR A 90 23.65 -17.61 -0.58
C THR A 90 24.16 -16.42 0.23
N ASP A 91 23.23 -15.73 0.90
CA ASP A 91 23.55 -14.58 1.76
C ASP A 91 23.02 -14.95 3.15
N GLU A 92 23.85 -14.77 4.18
CA GLU A 92 23.44 -15.10 5.54
C GLU A 92 22.63 -14.01 6.22
N ARG A 93 23.05 -12.76 6.02
CA ARG A 93 22.35 -11.61 6.61
C ARG A 93 20.92 -11.58 6.11
N THR A 94 20.69 -12.33 5.03
CA THR A 94 19.37 -12.45 4.42
C THR A 94 18.47 -13.25 5.38
N PHE A 95 18.98 -14.39 5.81
CA PHE A 95 18.28 -15.29 6.72
C PHE A 95 17.85 -14.58 8.00
N THR A 96 18.83 -14.01 8.69
CA THR A 96 18.62 -13.30 9.95
C THR A 96 17.34 -12.48 10.07
N ASN A 97 17.21 -11.46 9.22
CA ASN A 97 16.06 -10.57 9.26
C ASN A 97 14.66 -11.19 9.25
N ILE A 98 14.54 -12.43 8.80
CA ILE A 98 13.24 -13.11 8.72
C ILE A 98 12.42 -13.07 10.01
N LYS A 99 13.06 -13.23 11.16
CA LYS A 99 12.31 -13.17 12.39
C LYS A 99 11.69 -11.78 12.42
N GLN A 100 12.49 -10.79 12.04
CA GLN A 100 12.08 -9.38 12.03
C GLN A 100 10.90 -9.11 11.11
N TRP A 101 11.08 -9.37 9.82
CA TRP A 101 10.01 -9.16 8.84
C TRP A 101 8.76 -9.85 9.37
N PHE A 102 8.98 -11.02 9.99
CA PHE A 102 7.89 -11.79 10.56
C PHE A 102 7.19 -10.94 11.61
N LYS A 103 7.97 -10.27 12.46
CA LYS A 103 7.40 -9.41 13.48
C LYS A 103 6.61 -8.34 12.73
N THR A 104 7.28 -7.73 11.75
CA THR A 104 6.70 -6.67 10.94
C THR A 104 5.37 -7.09 10.30
N VAL A 105 5.23 -8.38 10.04
CA VAL A 105 4.01 -8.92 9.43
C VAL A 105 2.88 -9.09 10.44
N ASN A 106 3.23 -9.52 11.65
CA ASN A 106 2.24 -9.73 12.69
C ASN A 106 1.60 -8.40 13.08
N GLU A 107 2.37 -7.32 12.95
CA GLU A 107 1.90 -5.97 13.27
C GLU A 107 0.67 -5.59 12.45
N HIS A 108 0.83 -5.57 11.14
CA HIS A 108 -0.23 -5.18 10.22
C HIS A 108 -0.97 -6.33 9.55
N ALA A 109 -0.24 -7.35 9.12
CA ALA A 109 -0.88 -8.48 8.46
C ALA A 109 -1.99 -9.00 9.34
N ASN A 110 -3.23 -8.94 8.84
CA ASN A 110 -4.34 -9.46 9.63
C ASN A 110 -3.98 -10.95 9.72
N ASP A 111 -3.21 -11.26 10.76
CA ASP A 111 -2.67 -12.57 11.07
C ASP A 111 -3.45 -13.83 10.68
N GLU A 112 -4.62 -13.66 10.08
CA GLU A 112 -5.42 -14.79 9.60
C GLU A 112 -4.85 -15.02 8.20
N ALA A 113 -3.69 -14.43 7.96
CA ALA A 113 -3.02 -14.55 6.68
C ALA A 113 -2.17 -15.81 6.66
N GLN A 114 -2.07 -16.40 5.47
CA GLN A 114 -1.28 -17.61 5.31
C GLN A 114 0.17 -17.21 4.99
N LEU A 115 1.04 -17.34 5.98
CA LEU A 115 2.45 -17.01 5.80
C LEU A 115 3.13 -18.23 5.20
N LEU A 116 4.38 -18.06 4.79
CA LEU A 116 5.14 -19.14 4.18
C LEU A 116 6.62 -18.81 4.08
N LEU A 117 7.47 -19.64 4.68
CA LEU A 117 8.90 -19.41 4.61
C LEU A 117 9.31 -19.85 3.21
N VAL A 118 10.25 -19.16 2.60
CA VAL A 118 10.71 -19.54 1.26
C VAL A 118 12.21 -19.38 1.03
N GLY A 119 12.93 -20.50 1.02
CA GLY A 119 14.37 -20.46 0.80
C GLY A 119 14.62 -20.44 -0.69
N ASN A 120 15.10 -19.31 -1.21
CA ASN A 120 15.32 -19.16 -2.64
C ASN A 120 16.77 -19.11 -3.10
N LYS A 121 16.95 -18.97 -4.42
CA LYS A 121 18.25 -18.92 -5.03
C LYS A 121 19.11 -20.10 -4.71
N SER A 122 18.49 -21.25 -4.50
CA SER A 122 19.24 -22.45 -4.14
C SER A 122 20.00 -22.93 -5.37
N ASP A 123 20.18 -22.02 -6.33
CA ASP A 123 20.91 -22.34 -7.56
C ASP A 123 22.36 -22.50 -7.20
N MET A 124 23.05 -21.36 -7.23
CA MET A 124 24.48 -21.29 -6.93
C MET A 124 24.61 -22.14 -5.72
N GLU A 125 25.77 -22.70 -5.43
CA GLU A 125 25.79 -23.51 -4.23
C GLU A 125 26.79 -22.88 -3.34
N THR A 126 26.49 -21.65 -2.99
CA THR A 126 27.28 -20.93 -2.01
C THR A 126 26.37 -21.06 -0.80
N ARG A 127 25.36 -21.92 -1.00
CA ARG A 127 24.32 -22.25 -0.04
C ARG A 127 24.71 -22.20 1.44
N VAL A 128 25.06 -21.00 1.89
CA VAL A 128 25.48 -20.77 3.26
C VAL A 128 24.41 -21.13 4.29
N VAL A 129 23.32 -21.74 3.83
CA VAL A 129 22.22 -22.16 4.71
C VAL A 129 21.73 -23.53 4.23
N THR A 130 21.06 -24.27 5.10
CA THR A 130 20.55 -25.59 4.73
C THR A 130 19.05 -25.72 4.91
N ALA A 131 18.44 -26.61 4.11
CA ALA A 131 17.01 -26.85 4.15
C ALA A 131 16.48 -27.05 5.57
N ASP A 132 17.25 -27.72 6.41
CA ASP A 132 16.82 -27.96 7.78
C ASP A 132 16.74 -26.66 8.57
N GLN A 133 17.74 -25.80 8.40
CA GLN A 133 17.79 -24.52 9.10
C GLN A 133 16.50 -23.74 8.91
N GLY A 134 16.10 -23.59 7.64
CA GLY A 134 14.90 -22.85 7.32
C GLY A 134 13.62 -23.48 7.85
N GLU A 135 13.57 -24.81 7.88
CA GLU A 135 12.37 -25.49 8.36
C GLU A 135 12.26 -25.37 9.87
N ALA A 136 13.30 -24.81 10.47
CA ALA A 136 13.36 -24.59 11.91
C ALA A 136 12.53 -23.36 12.24
N LEU A 137 12.95 -22.22 11.70
CA LEU A 137 12.26 -20.95 11.91
C LEU A 137 10.81 -21.13 11.53
N ALA A 138 10.59 -21.76 10.38
CA ALA A 138 9.24 -22.01 9.89
C ALA A 138 8.45 -22.73 10.97
N LYS A 139 9.04 -23.75 11.59
CA LYS A 139 8.34 -24.48 12.64
C LYS A 139 8.20 -23.62 13.90
N GLU A 140 9.18 -22.74 14.14
CA GLU A 140 9.14 -21.85 15.30
C GLU A 140 8.04 -20.82 15.11
N LEU A 141 7.81 -20.46 13.85
CA LEU A 141 6.82 -19.46 13.46
C LEU A 141 5.43 -20.06 13.26
N GLY A 142 5.38 -21.38 13.08
CA GLY A 142 4.11 -22.07 12.89
C GLY A 142 3.56 -21.87 11.49
N ILE A 143 4.45 -21.89 10.51
CA ILE A 143 4.10 -21.71 9.10
C ILE A 143 4.90 -22.66 8.22
N PRO A 144 4.30 -23.15 7.11
CA PRO A 144 5.00 -24.08 6.21
C PRO A 144 6.28 -23.49 5.59
N PHE A 145 6.99 -24.31 4.83
CA PHE A 145 8.25 -23.90 4.20
C PHE A 145 8.47 -24.61 2.87
N ILE A 146 9.35 -24.05 2.05
CA ILE A 146 9.73 -24.63 0.74
C ILE A 146 11.04 -23.97 0.25
N GLU A 147 11.49 -24.38 -0.94
CA GLU A 147 12.70 -23.83 -1.56
C GLU A 147 12.48 -23.90 -3.08
N SER A 148 13.45 -23.36 -3.84
CA SER A 148 13.39 -23.37 -5.30
C SER A 148 14.48 -22.51 -5.91
N SER A 149 14.46 -22.39 -7.24
CA SER A 149 15.45 -21.60 -7.96
C SER A 149 14.95 -21.31 -9.38
N ALA A 150 14.63 -20.05 -9.62
CA ALA A 150 14.13 -19.63 -10.92
C ALA A 150 15.15 -19.89 -12.04
N LYS A 151 15.92 -20.95 -11.88
CA LYS A 151 16.93 -21.35 -12.84
C LYS A 151 16.64 -22.79 -13.24
N ASN A 152 15.46 -23.27 -12.84
CA ASN A 152 15.03 -24.63 -13.13
C ASN A 152 13.52 -24.62 -13.25
N ASP A 153 12.91 -23.54 -12.79
CA ASP A 153 11.46 -23.43 -12.85
C ASP A 153 10.91 -24.53 -11.93
N ASP A 154 11.78 -25.03 -11.04
CA ASP A 154 11.38 -26.07 -10.08
C ASP A 154 10.86 -25.47 -8.78
N ASN A 155 9.78 -26.04 -8.25
CA ASN A 155 9.16 -25.58 -7.00
C ASN A 155 8.61 -24.15 -7.07
N VAL A 156 9.05 -23.40 -8.07
CA VAL A 156 8.55 -22.04 -8.22
C VAL A 156 7.02 -22.09 -8.19
N ASN A 157 6.42 -22.78 -9.14
CA ASN A 157 4.97 -22.92 -9.19
C ASN A 157 4.46 -23.56 -7.92
N GLU A 158 5.23 -24.47 -7.33
CA GLU A 158 4.79 -25.10 -6.09
C GLU A 158 4.62 -23.97 -5.07
N ILE A 159 5.68 -23.17 -4.89
CA ILE A 159 5.68 -22.05 -3.96
C ILE A 159 4.28 -21.43 -3.88
N PHE A 160 3.70 -21.12 -5.03
CA PHE A 160 2.39 -20.50 -5.10
C PHE A 160 1.23 -21.46 -4.96
N PHE A 161 1.27 -22.60 -5.66
CA PHE A 161 0.17 -23.56 -5.57
C PHE A 161 -0.05 -24.00 -4.12
N THR A 162 1.02 -23.95 -3.33
CA THR A 162 0.99 -24.32 -1.91
C THR A 162 0.11 -23.34 -1.17
N LEU A 163 0.57 -22.09 -1.16
CA LEU A 163 -0.13 -20.98 -0.52
C LEU A 163 -1.61 -21.06 -0.86
N ALA A 164 -1.88 -21.26 -2.15
CA ALA A 164 -3.23 -21.37 -2.68
C ALA A 164 -4.12 -22.33 -1.90
N LYS A 165 -3.68 -23.58 -1.77
CA LYS A 165 -4.43 -24.58 -1.03
C LYS A 165 -4.60 -24.17 0.43
N LEU A 166 -3.47 -23.89 1.09
CA LEU A 166 -3.49 -23.49 2.49
C LEU A 166 -4.53 -22.40 2.73
N ILE A 167 -4.60 -21.44 1.80
CA ILE A 167 -5.55 -20.35 1.88
C ILE A 167 -6.95 -20.87 1.61
N GLN A 168 -7.09 -21.58 0.51
CA GLN A 168 -8.36 -22.16 0.10
C GLN A 168 -8.98 -23.00 1.22
N GLU A 169 -8.19 -23.85 1.83
CA GLU A 169 -8.69 -24.71 2.91
C GLU A 169 -9.05 -23.90 4.16
N LYS A 170 -8.21 -22.93 4.50
CA LYS A 170 -8.47 -22.10 5.67
C LYS A 170 -9.76 -21.30 5.43
N ILE A 171 -10.34 -21.46 4.25
CA ILE A 171 -11.58 -20.79 3.87
C ILE A 171 -12.73 -21.80 3.91
N ASP A 172 -12.37 -23.09 3.90
CA ASP A 172 -13.36 -24.16 3.92
C ASP A 172 -13.70 -24.59 5.34
N SER A 173 -12.81 -24.31 6.28
CA SER A 173 -13.07 -24.63 7.68
C SER A 173 -14.20 -23.68 8.08
N ASN A 174 -14.49 -22.75 7.18
CA ASN A 174 -15.54 -21.76 7.35
C ASN A 174 -16.62 -21.98 6.28
N SER B 5 -16.32 54.89 47.79
CA SER B 5 -15.25 54.76 48.83
C SER B 5 -15.39 53.43 49.56
N ASN B 6 -16.51 53.21 50.23
CA ASN B 6 -16.74 51.97 50.95
C ASN B 6 -18.00 51.23 50.47
N TYR B 7 -19.11 51.29 51.22
CA TYR B 7 -20.31 50.56 50.82
C TYR B 7 -20.70 50.76 49.36
N ASN B 8 -20.47 51.95 48.83
CA ASN B 8 -20.79 52.22 47.45
C ASN B 8 -19.92 51.28 46.60
N GLN B 9 -18.62 51.56 46.54
CA GLN B 9 -17.68 50.75 45.78
C GLN B 9 -17.93 49.25 45.89
N LEU B 10 -18.27 48.78 47.09
CA LEU B 10 -18.52 47.36 47.28
C LEU B 10 -19.71 46.92 46.43
N LYS B 11 -20.89 47.49 46.67
CA LYS B 11 -22.06 47.11 45.89
C LYS B 11 -21.78 47.25 44.39
N GLU B 12 -20.94 48.21 44.01
CA GLU B 12 -20.62 48.41 42.59
C GLU B 12 -19.80 47.21 42.15
N ASP B 13 -18.79 46.91 42.96
CA ASP B 13 -17.89 45.79 42.71
C ASP B 13 -18.64 44.49 42.65
N TYR B 14 -19.52 44.28 43.62
CA TYR B 14 -20.32 43.08 43.66
C TYR B 14 -21.13 42.97 42.36
N ASN B 15 -21.68 44.10 41.91
CA ASN B 15 -22.47 44.09 40.67
C ASN B 15 -21.56 43.75 39.49
N THR B 16 -20.31 44.21 39.58
CA THR B 16 -19.34 43.95 38.53
C THR B 16 -18.95 42.48 38.54
N LEU B 17 -18.62 41.95 39.70
CA LEU B 17 -18.28 40.54 39.79
C LEU B 17 -19.50 39.79 39.25
N LYS B 18 -20.67 40.10 39.80
CA LYS B 18 -21.91 39.48 39.37
C LYS B 18 -21.97 39.25 37.85
N ARG B 19 -21.56 40.26 37.08
CA ARG B 19 -21.57 40.16 35.62
C ARG B 19 -20.48 39.22 35.14
N GLU B 20 -19.23 39.53 35.48
CA GLU B 20 -18.09 38.69 35.11
C GLU B 20 -18.38 37.20 35.27
N LEU B 21 -19.19 36.86 36.27
CA LEU B 21 -19.54 35.47 36.50
C LEU B 21 -20.46 35.00 35.39
N SER B 22 -21.57 35.72 35.20
CA SER B 22 -22.53 35.36 34.16
C SER B 22 -21.79 35.25 32.81
N ASP B 23 -20.66 35.93 32.71
CA ASP B 23 -19.84 35.86 31.51
C ASP B 23 -19.15 34.48 31.51
N ARG B 24 -18.28 34.27 32.49
CA ARG B 24 -17.53 33.01 32.60
C ARG B 24 -18.45 31.81 32.50
N ASP B 25 -19.57 31.87 33.22
CA ASP B 25 -20.51 30.76 33.20
C ASP B 25 -21.05 30.49 31.80
N ASP B 26 -21.28 31.52 30.99
CA ASP B 26 -21.78 31.27 29.65
C ASP B 26 -20.63 30.71 28.81
N GLU B 27 -19.48 31.37 28.91
CA GLU B 27 -18.29 30.94 28.19
C GLU B 27 -18.08 29.44 28.41
N VAL B 28 -18.29 29.00 29.63
CA VAL B 28 -18.16 27.60 29.94
C VAL B 28 -19.21 26.76 29.23
N LYS B 29 -20.48 27.13 29.36
CA LYS B 29 -21.52 26.37 28.70
C LYS B 29 -21.24 26.31 27.21
N ARG B 30 -20.48 27.27 26.70
CA ARG B 30 -20.17 27.26 25.27
C ARG B 30 -18.98 26.36 24.92
N LEU B 31 -17.91 26.42 25.68
CA LEU B 31 -16.78 25.54 25.42
C LEU B 31 -17.27 24.10 25.52
N ARG B 32 -18.18 23.85 26.45
CA ARG B 32 -18.75 22.52 26.65
C ARG B 32 -19.31 21.97 25.34
N GLU B 33 -19.98 22.84 24.58
CA GLU B 33 -20.55 22.42 23.31
C GLU B 33 -19.57 22.60 22.16
N ASP B 34 -18.50 23.38 22.37
CA ASP B 34 -17.48 23.55 21.33
C ASP B 34 -16.63 22.30 21.25
N ILE B 35 -16.70 21.50 22.31
CA ILE B 35 -15.99 20.22 22.37
C ILE B 35 -16.85 19.24 21.58
N ALA B 36 -18.08 19.06 22.02
CA ALA B 36 -19.03 18.16 21.37
C ALA B 36 -18.90 18.23 19.86
N LYS B 37 -18.59 19.42 19.34
CA LYS B 37 -18.42 19.62 17.90
C LYS B 37 -17.01 19.24 17.48
N GLU B 38 -15.99 19.87 18.08
CA GLU B 38 -14.59 19.57 17.75
C GLU B 38 -14.29 18.11 17.99
N ASN B 39 -15.31 17.38 18.44
CA ASN B 39 -15.13 15.96 18.70
C ASN B 39 -15.78 15.17 17.59
N GLU B 40 -16.96 15.63 17.19
CA GLU B 40 -17.70 14.99 16.11
C GLU B 40 -16.87 15.07 14.85
N LEU B 41 -15.82 15.88 14.91
CA LEU B 41 -14.92 16.06 13.78
C LEU B 41 -13.79 15.04 13.87
N ARG B 42 -13.01 15.11 14.96
CA ARG B 42 -11.93 14.16 15.14
C ARG B 42 -12.49 12.75 14.93
N THR B 43 -13.77 12.58 15.25
CA THR B 43 -14.43 11.29 15.04
C THR B 43 -14.35 10.98 13.55
N LYS B 44 -15.05 11.77 12.73
CA LYS B 44 -15.08 11.60 11.28
C LYS B 44 -13.67 11.57 10.69
N ALA B 45 -12.89 12.62 10.94
CA ALA B 45 -11.51 12.71 10.46
C ALA B 45 -10.73 11.41 10.61
N GLU B 46 -10.82 10.80 11.79
CA GLU B 46 -10.13 9.55 12.07
C GLU B 46 -10.72 8.37 11.29
N GLU B 47 -12.04 8.38 11.11
CA GLU B 47 -12.71 7.31 10.35
C GLU B 47 -12.18 7.34 8.93
N GLU B 48 -12.29 8.51 8.33
CA GLU B 48 -11.87 8.74 6.96
C GLU B 48 -10.42 8.27 6.70
N ALA B 49 -9.47 8.78 7.48
CA ALA B 49 -8.08 8.38 7.31
C ALA B 49 -7.99 6.86 7.32
N ASP B 50 -9.04 6.22 7.82
CA ASP B 50 -9.11 4.77 7.89
C ASP B 50 -9.68 4.30 6.56
N LYS B 51 -10.95 4.62 6.32
CA LYS B 51 -11.64 4.26 5.07
C LYS B 51 -10.63 4.36 3.93
N LEU B 52 -9.80 5.39 3.98
CA LEU B 52 -8.77 5.61 2.98
C LEU B 52 -7.71 4.51 3.01
N ASN B 53 -6.93 4.46 4.10
CA ASN B 53 -5.88 3.47 4.24
C ASN B 53 -6.37 2.06 3.93
N LYS B 54 -7.68 1.89 3.90
CA LYS B 54 -8.25 0.59 3.58
C LYS B 54 -8.22 0.51 2.07
N GLU B 55 -9.14 1.25 1.46
CA GLU B 55 -9.33 1.33 0.01
C GLU B 55 -8.08 1.48 -0.91
N VAL B 56 -6.96 2.00 -0.39
CA VAL B 56 -5.73 2.21 -1.17
C VAL B 56 -5.35 1.12 -2.16
N GLU B 57 -5.02 -0.05 -1.60
CA GLU B 57 -4.63 -1.21 -2.41
C GLU B 57 -5.55 -1.31 -3.60
N ASP B 58 -6.75 -1.85 -3.38
CA ASP B 58 -7.74 -2.01 -4.44
C ASP B 58 -7.72 -0.88 -5.45
N LEU B 59 -7.30 0.30 -5.03
CA LEU B 59 -7.21 1.42 -5.95
C LEU B 59 -5.90 1.38 -6.71
N THR B 60 -4.78 1.30 -5.98
CA THR B 60 -3.49 1.25 -6.65
C THR B 60 -3.44 0.00 -7.52
N ALA B 61 -4.28 -0.99 -7.20
CA ALA B 61 -4.32 -2.21 -7.99
C ALA B 61 -4.76 -1.79 -9.38
N SER B 62 -6.01 -1.37 -9.46
CA SER B 62 -6.57 -0.90 -10.72
C SER B 62 -5.65 0.07 -11.47
N LEU B 63 -4.83 0.82 -10.76
CA LEU B 63 -3.92 1.75 -11.44
C LEU B 63 -2.86 0.95 -12.15
N PHE B 64 -2.30 0.00 -11.43
CA PHE B 64 -1.28 -0.83 -12.04
C PHE B 64 -1.89 -1.71 -13.11
N ASP B 65 -3.03 -2.32 -12.82
CA ASP B 65 -3.66 -3.18 -13.80
C ASP B 65 -3.79 -2.44 -15.13
N GLU B 66 -4.24 -1.19 -15.09
CA GLU B 66 -4.40 -0.42 -16.32
C GLU B 66 -3.07 -0.06 -16.97
N ALA B 67 -2.07 0.28 -16.16
CA ALA B 67 -0.77 0.65 -16.68
C ALA B 67 -0.13 -0.55 -17.37
N ASN B 68 -0.41 -1.74 -16.86
CA ASN B 68 0.17 -2.94 -17.43
C ASN B 68 -0.28 -3.06 -18.88
N ASN B 69 -1.59 -3.27 -19.05
CA ASN B 69 -2.20 -3.42 -20.36
C ASN B 69 -1.72 -2.34 -21.33
N MET B 70 -1.67 -1.11 -20.85
CA MET B 70 -1.19 -0.02 -21.67
C MET B 70 0.16 -0.38 -22.28
N VAL B 71 1.14 -0.72 -21.45
CA VAL B 71 2.44 -1.08 -22.02
C VAL B 71 2.34 -2.42 -22.73
N ALA B 72 1.57 -3.35 -22.19
CA ALA B 72 1.41 -4.65 -22.82
C ALA B 72 0.81 -4.46 -24.21
N ASP B 73 -0.46 -4.07 -24.26
CA ASP B 73 -1.12 -3.86 -25.53
C ASP B 73 -0.20 -3.20 -26.53
N ALA B 74 0.56 -2.19 -26.09
CA ALA B 74 1.49 -1.51 -26.99
C ALA B 74 2.51 -2.51 -27.49
N ARG B 75 3.26 -3.06 -26.56
CA ARG B 75 4.27 -4.02 -26.92
C ARG B 75 3.82 -5.16 -27.82
N LYS B 76 2.59 -5.64 -27.67
CA LYS B 76 2.14 -6.71 -28.54
C LYS B 76 2.04 -6.16 -29.96
N GLU B 77 1.30 -5.06 -30.11
CA GLU B 77 1.15 -4.42 -31.41
C GLU B 77 2.50 -4.17 -32.11
N LYS B 78 3.60 -4.11 -31.36
CA LYS B 78 4.91 -3.96 -32.02
C LYS B 78 5.33 -5.36 -32.51
N TYR B 79 5.42 -6.30 -31.56
CA TYR B 79 5.76 -7.69 -31.86
C TYR B 79 5.18 -8.08 -33.22
N ALA B 80 3.85 -7.97 -33.35
CA ALA B 80 3.17 -8.32 -34.60
C ALA B 80 3.85 -7.74 -35.84
N ILE B 81 4.25 -6.48 -35.76
CA ILE B 81 4.91 -5.84 -36.89
C ILE B 81 6.31 -6.43 -37.08
N GLU B 82 6.87 -6.93 -35.99
CA GLU B 82 8.19 -7.54 -36.03
C GLU B 82 8.02 -8.83 -36.84
N ILE B 83 6.96 -9.55 -36.51
CA ILE B 83 6.61 -10.80 -37.18
C ILE B 83 6.49 -10.51 -38.69
N LEU B 84 5.71 -9.49 -39.01
CA LEU B 84 5.49 -9.09 -40.39
C LEU B 84 6.80 -8.81 -41.09
N ASN B 85 7.61 -7.97 -40.47
CA ASN B 85 8.91 -7.65 -41.02
C ASN B 85 9.58 -8.96 -41.39
N LYS B 86 9.75 -9.84 -40.41
CA LYS B 86 10.40 -11.12 -40.66
C LYS B 86 9.79 -11.83 -41.88
N ARG B 87 8.46 -12.01 -41.91
CA ARG B 87 7.81 -12.65 -43.06
C ARG B 87 8.03 -11.94 -44.41
N LEU B 88 8.00 -10.62 -44.44
CA LEU B 88 8.25 -9.89 -45.69
C LEU B 88 9.71 -10.14 -46.06
N THR B 89 10.56 -10.20 -45.04
CA THR B 89 11.97 -10.43 -45.30
C THR B 89 12.18 -11.86 -45.80
N GLU B 90 11.14 -12.69 -45.68
CA GLU B 90 11.19 -14.08 -46.12
C GLU B 90 10.54 -14.24 -47.49
N GLN B 91 9.68 -13.30 -47.84
CA GLN B 91 9.01 -13.32 -49.12
C GLN B 91 10.00 -12.86 -50.17
N LEU B 92 10.60 -11.70 -49.92
CA LEU B 92 11.61 -11.12 -50.79
C LEU B 92 12.91 -11.89 -50.57
N ARG B 93 12.85 -12.89 -49.70
CA ARG B 93 14.01 -13.72 -49.45
C ARG B 93 14.04 -14.70 -50.63
N GLU B 94 12.86 -15.18 -51.01
CA GLU B 94 12.71 -16.11 -52.13
C GLU B 94 12.79 -15.37 -53.46
N LYS B 95 11.90 -14.40 -53.67
CA LYS B 95 11.89 -13.61 -54.90
C LYS B 95 13.29 -13.34 -55.43
N ASP B 96 14.14 -12.77 -54.57
CA ASP B 96 15.53 -12.46 -54.92
C ASP B 96 16.13 -13.64 -55.68
N THR B 97 16.12 -14.81 -55.05
CA THR B 97 16.67 -16.02 -55.66
C THR B 97 15.69 -16.57 -56.68
N SER C 5 -25.01 43.51 58.99
CA SER C 5 -26.03 42.45 58.68
C SER C 5 -26.22 42.49 57.19
N ASN C 6 -27.12 43.35 56.72
CA ASN C 6 -27.31 43.47 55.29
C ASN C 6 -25.89 43.73 54.76
N TYR C 7 -25.15 44.65 55.39
CA TYR C 7 -23.79 44.89 54.93
C TYR C 7 -22.96 43.61 54.98
N ASN C 8 -22.90 42.97 56.14
CA ASN C 8 -22.11 41.76 56.26
C ASN C 8 -22.52 40.66 55.29
N GLN C 9 -23.82 40.52 55.04
CA GLN C 9 -24.31 39.50 54.12
C GLN C 9 -23.73 39.76 52.74
N LEU C 10 -23.80 41.01 52.31
CA LEU C 10 -23.28 41.41 51.02
C LEU C 10 -21.82 41.02 51.00
N LYS C 11 -21.06 41.58 51.93
CA LYS C 11 -19.64 41.32 52.02
C LYS C 11 -19.33 39.86 51.79
N GLU C 12 -20.26 38.97 52.13
CA GLU C 12 -20.03 37.54 51.98
C GLU C 12 -20.58 36.91 50.70
N ASP C 13 -21.66 37.46 50.16
CA ASP C 13 -22.21 36.94 48.92
C ASP C 13 -21.15 37.30 47.91
N TYR C 14 -20.50 38.43 48.14
CA TYR C 14 -19.45 38.83 47.24
C TYR C 14 -18.39 37.75 47.31
N ASN C 15 -18.12 37.27 48.52
CA ASN C 15 -17.13 36.22 48.67
C ASN C 15 -17.60 34.89 48.10
N THR C 16 -18.86 34.55 48.32
CA THR C 16 -19.45 33.33 47.79
C THR C 16 -19.34 33.25 46.24
N LEU C 17 -19.70 34.32 45.54
CA LEU C 17 -19.59 34.29 44.09
C LEU C 17 -18.16 34.56 43.65
N LYS C 18 -17.35 35.19 44.49
CA LYS C 18 -15.98 35.43 44.10
C LYS C 18 -15.38 34.06 43.83
N ARG C 19 -15.93 33.05 44.51
CA ARG C 19 -15.44 31.68 44.33
C ARG C 19 -16.04 31.06 43.08
N GLU C 20 -17.37 30.97 43.03
CA GLU C 20 -18.05 30.41 41.87
C GLU C 20 -17.42 30.87 40.56
N LEU C 21 -16.77 32.03 40.59
CA LEU C 21 -16.10 32.54 39.40
C LEU C 21 -14.76 31.84 39.29
N SER C 22 -13.98 31.87 40.37
CA SER C 22 -12.67 31.23 40.38
C SER C 22 -12.79 29.78 39.93
N ASP C 23 -13.97 29.21 40.13
CA ASP C 23 -14.19 27.84 39.75
C ASP C 23 -14.66 27.74 38.30
N ARG C 24 -15.24 28.83 37.81
CA ARG C 24 -15.71 28.92 36.44
C ARG C 24 -14.45 29.13 35.62
N ASP C 25 -13.55 29.93 36.15
CA ASP C 25 -12.27 30.24 35.53
C ASP C 25 -11.52 28.94 35.29
N ASP C 26 -11.56 28.09 36.31
CA ASP C 26 -10.89 26.81 36.23
C ASP C 26 -11.52 25.95 35.14
N GLU C 27 -12.81 25.64 35.29
CA GLU C 27 -13.51 24.82 34.30
C GLU C 27 -13.28 25.34 32.88
N VAL C 28 -12.85 26.58 32.75
CA VAL C 28 -12.56 27.11 31.43
C VAL C 28 -11.16 26.68 31.05
N LYS C 29 -10.16 27.08 31.86
CA LYS C 29 -8.78 26.71 31.57
C LYS C 29 -8.76 25.26 31.11
N ARG C 30 -9.59 24.44 31.76
CA ARG C 30 -9.70 23.02 31.44
C ARG C 30 -10.24 22.82 30.03
N LEU C 31 -11.55 22.99 29.88
CA LEU C 31 -12.20 22.83 28.58
C LEU C 31 -11.35 23.38 27.44
N ARG C 32 -10.61 24.45 27.71
CA ARG C 32 -9.77 25.05 26.68
C ARG C 32 -8.58 24.16 26.32
N GLU C 33 -8.17 23.31 27.25
CA GLU C 33 -7.04 22.41 27.02
C GLU C 33 -7.56 21.12 26.39
N ASP C 34 -8.67 20.61 26.90
CA ASP C 34 -9.32 19.41 26.36
C ASP C 34 -9.65 19.58 24.88
N ILE C 35 -9.90 20.82 24.48
CA ILE C 35 -10.23 21.12 23.09
C ILE C 35 -8.94 21.21 22.28
N ALA C 36 -8.02 22.07 22.70
CA ALA C 36 -6.75 22.22 22.00
C ALA C 36 -6.09 20.85 21.90
N LYS C 37 -6.53 19.95 22.77
CA LYS C 37 -6.03 18.59 22.80
C LYS C 37 -6.75 17.80 21.70
N GLU C 38 -8.08 17.71 21.80
CA GLU C 38 -8.82 16.98 20.79
C GLU C 38 -8.67 17.55 19.39
N ASN C 39 -8.07 18.71 19.26
CA ASN C 39 -7.86 19.29 17.94
C ASN C 39 -6.53 18.76 17.42
N GLU C 40 -5.66 18.33 18.33
CA GLU C 40 -4.38 17.78 17.92
C GLU C 40 -4.60 16.44 17.26
N LEU C 41 -5.55 15.67 17.78
CA LEU C 41 -5.90 14.39 17.18
C LEU C 41 -6.47 14.68 15.81
N ARG C 42 -7.65 15.29 15.79
CA ARG C 42 -8.30 15.63 14.54
C ARG C 42 -7.28 16.23 13.56
N THR C 43 -6.23 16.86 14.09
CA THR C 43 -5.23 17.45 13.22
C THR C 43 -4.29 16.40 12.63
N LYS C 44 -4.10 15.30 13.34
CA LYS C 44 -3.22 14.24 12.85
C LYS C 44 -4.00 13.39 11.84
N ALA C 45 -5.25 13.07 12.15
CA ALA C 45 -6.10 12.27 11.26
C ALA C 45 -6.37 13.03 9.97
N GLU C 46 -5.74 14.18 9.83
CA GLU C 46 -5.87 14.99 8.62
C GLU C 46 -4.47 15.00 8.04
N GLU C 47 -3.48 15.24 8.90
CA GLU C 47 -2.07 15.25 8.51
C GLU C 47 -1.78 13.90 7.87
N GLU C 48 -2.50 12.89 8.36
CA GLU C 48 -2.35 11.53 7.86
C GLU C 48 -2.97 11.47 6.47
N ALA C 49 -4.29 11.32 6.41
CA ALA C 49 -5.01 11.25 5.15
C ALA C 49 -4.33 12.06 4.02
N ASP C 50 -3.79 13.24 4.35
CA ASP C 50 -3.12 14.04 3.33
C ASP C 50 -1.89 13.29 2.82
N LYS C 51 -0.96 13.00 3.73
CA LYS C 51 0.25 12.29 3.36
C LYS C 51 -0.09 11.21 2.36
N LEU C 52 -1.02 10.34 2.74
CA LEU C 52 -1.43 9.23 1.89
C LEU C 52 -1.75 9.70 0.48
N ASN C 53 -2.76 10.57 0.37
CA ASN C 53 -3.18 11.05 -0.92
C ASN C 53 -2.12 11.79 -1.71
N LYS C 54 -1.14 12.39 -1.02
CA LYS C 54 -0.07 13.09 -1.71
C LYS C 54 0.70 12.01 -2.47
N GLU C 55 0.80 10.85 -1.84
CA GLU C 55 1.50 9.71 -2.40
C GLU C 55 0.66 9.16 -3.53
N VAL C 56 -0.57 8.80 -3.19
CA VAL C 56 -1.51 8.27 -4.17
C VAL C 56 -1.52 9.16 -5.43
N GLU C 57 -1.44 10.47 -5.27
CA GLU C 57 -1.42 11.29 -6.46
C GLU C 57 -0.03 11.20 -7.09
N ASP C 58 1.00 11.23 -6.25
CA ASP C 58 2.38 11.14 -6.75
C ASP C 58 2.60 9.80 -7.46
N LEU C 59 1.94 8.76 -6.98
CA LEU C 59 2.08 7.47 -7.63
C LEU C 59 1.45 7.62 -9.00
N THR C 60 0.13 7.80 -8.98
CA THR C 60 -0.68 7.96 -10.17
C THR C 60 0.02 8.67 -11.32
N ALA C 61 0.60 9.84 -11.04
CA ALA C 61 1.30 10.56 -12.09
C ALA C 61 2.51 9.77 -12.56
N SER C 62 3.45 9.53 -11.65
CA SER C 62 4.68 8.80 -11.97
C SER C 62 4.44 7.49 -12.71
N LEU C 63 3.47 6.70 -12.24
CA LEU C 63 3.15 5.43 -12.88
C LEU C 63 2.77 5.69 -14.32
N PHE C 64 1.71 6.47 -14.47
CA PHE C 64 1.22 6.79 -15.78
C PHE C 64 2.24 7.50 -16.62
N ASP C 65 3.07 8.34 -16.00
CA ASP C 65 4.09 9.02 -16.79
C ASP C 65 5.02 7.93 -17.35
N GLU C 66 5.49 7.03 -16.48
CA GLU C 66 6.38 5.95 -16.93
C GLU C 66 5.74 5.08 -18.02
N ALA C 67 4.61 4.46 -17.70
CA ALA C 67 3.89 3.63 -18.66
C ALA C 67 3.88 4.29 -20.05
N ASN C 68 3.65 5.58 -20.09
CA ASN C 68 3.62 6.26 -21.37
C ASN C 68 4.97 6.27 -22.07
N ASN C 69 6.07 6.43 -21.35
CA ASN C 69 7.38 6.45 -22.00
C ASN C 69 7.60 5.06 -22.58
N MET C 70 7.08 4.05 -21.90
CA MET C 70 7.22 2.69 -22.38
C MET C 70 6.43 2.59 -23.67
N VAL C 71 5.14 2.82 -23.54
CA VAL C 71 4.27 2.72 -24.69
C VAL C 71 4.89 3.57 -25.79
N ALA C 72 5.48 4.69 -25.40
CA ALA C 72 6.11 5.57 -26.37
C ALA C 72 7.21 4.82 -27.11
N ASP C 73 8.10 4.22 -26.32
CA ASP C 73 9.23 3.47 -26.85
C ASP C 73 8.80 2.35 -27.75
N ALA C 74 7.81 1.59 -27.30
CA ALA C 74 7.32 0.49 -28.12
C ALA C 74 6.96 1.07 -29.48
N ARG C 75 6.13 2.12 -29.49
CA ARG C 75 5.70 2.71 -30.74
C ARG C 75 6.84 3.29 -31.60
N LYS C 76 7.84 3.86 -30.94
CA LYS C 76 8.98 4.40 -31.64
C LYS C 76 9.61 3.27 -32.45
N GLU C 77 9.76 2.09 -31.83
CA GLU C 77 10.34 0.94 -32.52
C GLU C 77 9.38 0.41 -33.56
N LYS C 78 8.11 0.28 -33.17
CA LYS C 78 7.10 -0.23 -34.09
C LYS C 78 7.08 0.64 -35.34
N TYR C 79 7.49 1.90 -35.19
CA TYR C 79 7.54 2.82 -36.32
C TYR C 79 8.69 2.41 -37.25
N ALA C 80 9.90 2.38 -36.71
CA ALA C 80 11.09 1.99 -37.49
C ALA C 80 10.86 0.69 -38.26
N ILE C 81 10.23 -0.27 -37.62
CA ILE C 81 9.94 -1.54 -38.29
C ILE C 81 8.97 -1.24 -39.45
N GLU C 82 7.92 -0.47 -39.19
CA GLU C 82 6.93 -0.14 -40.23
C GLU C 82 7.55 0.52 -41.44
N ILE C 83 8.50 1.41 -41.19
CA ILE C 83 9.22 2.07 -42.26
C ILE C 83 9.89 0.95 -43.07
N LEU C 84 10.80 0.21 -42.42
CA LEU C 84 11.51 -0.89 -43.07
C LEU C 84 10.58 -1.84 -43.81
N ASN C 85 9.36 -2.00 -43.29
CA ASN C 85 8.37 -2.85 -43.95
C ASN C 85 7.88 -2.18 -45.22
N LYS C 86 7.60 -0.89 -45.15
CA LYS C 86 7.16 -0.16 -46.33
C LYS C 86 8.15 -0.51 -47.44
N ARG C 87 9.43 -0.22 -47.20
CA ARG C 87 10.50 -0.49 -48.15
C ARG C 87 10.41 -1.89 -48.77
N LEU C 88 10.31 -2.91 -47.93
CA LEU C 88 10.23 -4.30 -48.42
C LEU C 88 8.99 -4.52 -49.26
N THR C 89 7.81 -4.28 -48.68
CA THR C 89 6.56 -4.48 -49.40
C THR C 89 6.71 -3.93 -50.79
N GLU C 90 7.39 -2.79 -50.86
CA GLU C 90 7.65 -2.10 -52.13
C GLU C 90 8.73 -2.78 -52.97
N GLN C 91 9.71 -3.41 -52.32
CA GLN C 91 10.75 -4.12 -53.06
C GLN C 91 10.15 -5.44 -53.55
N LEU C 92 8.92 -5.71 -53.11
CA LEU C 92 8.21 -6.93 -53.50
C LEU C 92 7.35 -6.71 -54.72
N ARG C 93 7.59 -5.59 -55.39
CA ARG C 93 6.87 -5.26 -56.62
C ARG C 93 7.99 -5.09 -57.63
N GLU C 94 9.13 -4.63 -57.13
CA GLU C 94 10.33 -4.43 -57.93
C GLU C 94 10.94 -5.81 -58.16
N LYS C 95 10.18 -6.84 -57.81
CA LYS C 95 10.57 -8.24 -57.99
C LYS C 95 9.42 -8.97 -58.69
N ASP C 96 8.34 -8.23 -58.93
CA ASP C 96 7.17 -8.77 -59.64
C ASP C 96 7.10 -7.97 -60.93
N THR C 97 7.79 -6.83 -60.93
CA THR C 97 7.84 -5.95 -62.08
C THR C 97 9.06 -6.34 -62.92
P PO4 D . 14.48 -8.75 -5.06
O1 PO4 D . 13.85 -9.53 -3.96
O2 PO4 D . 14.99 -7.46 -4.52
O3 PO4 D . 15.63 -9.52 -5.62
O4 PO4 D . 13.49 -8.51 -6.12
P PO4 E . -1.37 2.74 -35.02
O1 PO4 E . -2.06 3.78 -34.23
O2 PO4 E . -0.05 3.26 -35.47
O3 PO4 E . -1.16 1.53 -34.18
O4 PO4 E . -2.20 2.39 -36.21
#